data_4GE2
#
_entry.id   4GE2
#
_cell.length_a   39.982
_cell.length_b   57.747
_cell.length_c   66.544
_cell.angle_alpha   77.33
_cell.angle_beta   78.28
_cell.angle_gamma   80.27
#
_symmetry.space_group_name_H-M   'P 1'
#
loop_
_entity.id
_entity.type
_entity.pdbx_description
1 polymer 'Tyrosine-protein phosphatase non-receptor type 9'
2 non-polymer N-acetyl-4-[difluoro(phosphono)methyl]-L-phenylalanyl-N~5~-(3-iodobenzoyl)-L-ornithinamide
3 water water
#
_entity_poly.entity_id   1
_entity_poly.type   'polypeptide(L)'
_entity_poly.pdbx_seq_one_letter_code
;MSVHVPGPHAMTIQELVDYVNARQKQGIYEEYEDIRRENPVGTFHCSMSPGNLEKNRYGDVPCLDQTRVKLTKRSGHTQT
DYINASFMDGYKQKNAYIGTQGPLENTYRDFWLMVWEQKVLVIVMTTRFEEGGRRKCGQYWPLEKDSRIRFGFLTVTNLG
VENMNHYKKTTLEIHNTEERQKRQVTHFQFLSWPDYGVPSSAASLIDFLRVVRNQQSLAVSNMGARSKGQCPEPPIVVHC
SAGIGRTGTFCSLDICLAQLEELGTLNVFQTVSRMRTQRAFSIQTPEQYYFCYKAILEFAEKEGMVSAHHHHHH
;
_entity_poly.pdbx_strand_id   A,B
#
loop_
_chem_comp.id
_chem_comp.type
_chem_comp.name
_chem_comp.formula
75A peptide-like N-acetyl-4-[difluoro(phosphono)methyl]-L-phenylalanyl-N~5~-(3-iodobenzoyl)-L-ornithinamide 'C24 H28 F2 I N4 O7 P'
#
# COMPACT_ATOMS: atom_id res chain seq x y z
N SER A 2 -19.95 21.48 16.54
CA SER A 2 -18.75 20.76 16.04
C SER A 2 -17.50 21.55 16.39
N VAL A 3 -16.44 20.85 16.76
CA VAL A 3 -15.18 21.52 17.08
C VAL A 3 -14.45 21.86 15.79
N HIS A 4 -14.86 21.24 14.69
CA HIS A 4 -14.21 21.47 13.41
C HIS A 4 -14.92 22.55 12.59
N VAL A 5 -14.57 23.80 12.86
CA VAL A 5 -15.14 24.94 12.15
C VAL A 5 -14.01 25.50 11.31
N PRO A 6 -14.34 26.15 10.19
CA PRO A 6 -13.27 26.71 9.34
C PRO A 6 -12.50 27.80 10.08
N GLY A 7 -11.22 27.53 10.35
CA GLY A 7 -10.41 28.50 11.05
C GLY A 7 -10.63 28.44 12.56
N PRO A 8 -10.09 29.41 13.32
CA PRO A 8 -9.27 30.54 12.84
C PRO A 8 -7.95 30.15 12.18
N HIS A 9 -7.46 31.03 11.31
CA HIS A 9 -6.18 30.83 10.63
C HIS A 9 -6.04 29.62 9.70
N ALA A 10 -7.00 29.40 8.81
CA ALA A 10 -6.92 28.28 7.88
C ALA A 10 -5.97 28.69 6.74
N MET A 11 -5.34 27.70 6.09
CA MET A 11 -4.40 27.98 5.01
C MET A 11 -4.88 27.62 3.62
N THR A 12 -4.40 28.37 2.63
CA THR A 12 -4.73 28.09 1.24
C THR A 12 -3.65 27.11 0.75
N ILE A 13 -3.90 26.45 -0.38
CA ILE A 13 -2.92 25.50 -0.90
C ILE A 13 -1.56 26.15 -1.05
N GLN A 14 -1.55 27.39 -1.52
CA GLN A 14 -0.31 28.13 -1.69
C GLN A 14 0.45 28.25 -0.37
N GLU A 15 -0.27 28.65 0.68
CA GLU A 15 0.30 28.82 2.01
C GLU A 15 0.76 27.49 2.61
N LEU A 16 0.05 26.42 2.30
CA LEU A 16 0.39 25.11 2.81
C LEU A 16 1.72 24.67 2.19
N VAL A 17 1.88 24.99 0.91
CA VAL A 17 3.10 24.64 0.19
C VAL A 17 4.30 25.28 0.86
N ASP A 18 4.21 26.57 1.11
CA ASP A 18 5.30 27.29 1.76
C ASP A 18 5.49 26.77 3.17
N TYR A 19 4.37 26.49 3.84
CA TYR A 19 4.40 25.98 5.21
C TYR A 19 5.22 24.69 5.30
N VAL A 20 4.96 23.75 4.39
CA VAL A 20 5.67 22.49 4.38
C VAL A 20 7.13 22.64 3.95
N ASN A 21 7.37 23.48 2.95
CA ASN A 21 8.72 23.68 2.46
C ASN A 21 9.59 24.35 3.52
N ALA A 22 9.00 25.27 4.27
CA ALA A 22 9.73 25.98 5.33
C ALA A 22 10.12 25.05 6.48
N ARG A 23 9.28 24.07 6.78
CA ARG A 23 9.55 23.14 7.88
C ARG A 23 10.22 21.84 7.45
N GLN A 24 9.88 21.36 6.26
CA GLN A 24 10.44 20.13 5.73
C GLN A 24 9.89 18.94 6.52
N LYS A 25 10.29 17.74 6.12
CA LYS A 25 9.81 16.53 6.79
C LYS A 25 10.11 16.54 8.28
N GLN A 26 11.37 16.83 8.63
CA GLN A 26 11.78 16.84 10.03
C GLN A 26 11.01 17.89 10.84
N GLY A 27 10.73 19.03 10.21
CA GLY A 27 10.01 20.07 10.90
C GLY A 27 8.58 19.64 11.21
N ILE A 28 8.01 18.85 10.30
CA ILE A 28 6.66 18.36 10.50
C ILE A 28 6.66 17.31 11.60
N TYR A 29 7.70 16.48 11.62
CA TYR A 29 7.84 15.45 12.65
C TYR A 29 7.89 16.11 14.02
N GLU A 30 8.67 17.18 14.11
CA GLU A 30 8.81 17.94 15.36
C GLU A 30 7.47 18.54 15.77
N GLU A 31 6.72 19.02 14.80
CA GLU A 31 5.42 19.61 15.06
C GLU A 31 4.52 18.53 15.67
N TYR A 32 4.58 17.33 15.12
CA TYR A 32 3.78 16.24 15.65
C TYR A 32 4.17 15.98 17.10
N GLU A 33 5.48 15.94 17.36
CA GLU A 33 5.95 15.70 18.71
C GLU A 33 5.49 16.74 19.71
N ASP A 34 5.12 17.93 19.23
CA ASP A 34 4.63 18.97 20.13
C ASP A 34 3.16 18.70 20.44
N ILE A 35 2.45 18.15 19.46
CA ILE A 35 1.05 17.82 19.66
C ILE A 35 1.01 16.69 20.68
N ARG A 36 1.89 15.71 20.50
CA ARG A 36 1.99 14.56 21.39
C ARG A 36 2.35 14.96 22.80
N ARG A 37 3.07 16.07 22.95
CA ARG A 37 3.47 16.58 24.25
C ARG A 37 2.27 17.06 25.07
N GLU A 38 1.33 17.69 24.39
CA GLU A 38 0.14 18.22 25.04
C GLU A 38 -0.45 17.26 26.07
N ASN A 39 -0.96 17.81 27.17
CA ASN A 39 -1.57 16.99 28.21
C ASN A 39 -3.01 16.79 27.77
N PRO A 40 -3.44 15.52 27.63
CA PRO A 40 -4.81 15.21 27.20
C PRO A 40 -5.88 16.06 27.88
N VAL A 41 -6.92 16.39 27.12
CA VAL A 41 -8.01 17.17 27.65
C VAL A 41 -9.14 16.20 27.94
N GLY A 42 -9.29 15.84 29.21
CA GLY A 42 -10.33 14.91 29.62
C GLY A 42 -9.77 13.86 30.55
N THR A 43 -10.60 12.89 30.93
CA THR A 43 -10.15 11.83 31.82
C THR A 43 -10.45 10.45 31.21
N PHE A 44 -9.88 9.42 31.81
CA PHE A 44 -10.04 8.05 31.33
C PHE A 44 -10.45 7.11 32.45
N HIS A 45 -11.20 7.62 33.43
CA HIS A 45 -11.64 6.81 34.56
C HIS A 45 -12.53 5.64 34.20
N CYS A 46 -13.49 5.85 33.32
CA CYS A 46 -14.41 4.79 32.92
C CYS A 46 -13.74 3.67 32.14
N SER A 47 -12.80 4.03 31.27
CA SER A 47 -12.10 3.06 30.43
C SER A 47 -11.13 2.20 31.25
N MET A 48 -10.51 2.79 32.26
CA MET A 48 -9.55 2.07 33.08
C MET A 48 -10.15 1.45 34.35
N SER A 49 -11.48 1.35 34.41
CA SER A 49 -12.17 0.79 35.58
C SER A 49 -12.43 -0.72 35.49
N PRO A 50 -12.67 -1.37 36.65
CA PRO A 50 -12.94 -2.81 36.74
C PRO A 50 -14.14 -3.27 35.91
N GLY A 51 -13.93 -4.27 35.06
CA GLY A 51 -15.00 -4.77 34.22
C GLY A 51 -14.90 -4.30 32.78
N ASN A 52 -14.32 -3.13 32.58
CA ASN A 52 -14.17 -2.56 31.25
C ASN A 52 -12.75 -2.74 30.72
N LEU A 53 -11.82 -3.05 31.62
CA LEU A 53 -10.42 -3.22 31.24
C LEU A 53 -10.31 -4.35 30.22
N GLU A 54 -11.06 -5.42 30.44
CA GLU A 54 -11.04 -6.57 29.53
C GLU A 54 -11.69 -6.21 28.20
N LYS A 55 -12.30 -5.03 28.14
CA LYS A 55 -12.98 -4.61 26.92
C LYS A 55 -12.11 -3.69 26.05
N ASN A 56 -10.85 -3.52 26.43
CA ASN A 56 -9.92 -2.70 25.66
C ASN A 56 -8.88 -3.59 25.02
N ARG A 57 -8.64 -3.40 23.72
CA ARG A 57 -7.66 -4.20 23.01
C ARG A 57 -6.25 -3.84 23.47
N TYR A 58 -6.07 -2.61 23.93
CA TYR A 58 -4.77 -2.13 24.40
C TYR A 58 -4.89 -1.38 25.73
N GLY A 59 -4.09 -1.80 26.71
CA GLY A 59 -4.13 -1.15 28.01
C GLY A 59 -3.70 0.30 27.97
N ASP A 60 -2.92 0.67 26.97
CA ASP A 60 -2.45 2.05 26.86
C ASP A 60 -3.26 2.91 25.90
N VAL A 61 -4.42 2.42 25.49
CA VAL A 61 -5.29 3.17 24.59
C VAL A 61 -6.73 3.23 25.12
N PRO A 62 -6.94 3.97 26.22
CA PRO A 62 -8.29 4.07 26.75
C PRO A 62 -9.03 5.15 25.97
N CYS A 63 -10.34 5.27 26.18
CA CYS A 63 -11.10 6.32 25.50
C CYS A 63 -11.48 7.37 26.53
N LEU A 64 -11.74 8.58 26.07
CA LEU A 64 -12.12 9.69 26.95
C LEU A 64 -13.51 9.50 27.53
N ASP A 65 -13.68 9.85 28.81
CA ASP A 65 -14.97 9.73 29.49
C ASP A 65 -15.98 10.67 28.84
N GLN A 66 -15.50 11.86 28.52
CA GLN A 66 -16.30 12.92 27.92
C GLN A 66 -17.00 12.57 26.62
N THR A 67 -16.31 11.85 25.75
CA THR A 67 -16.86 11.52 24.44
C THR A 67 -17.19 10.06 24.14
N ARG A 68 -17.04 9.17 25.11
CA ARG A 68 -17.31 7.76 24.84
C ARG A 68 -18.75 7.46 24.45
N VAL A 69 -18.94 6.40 23.67
CA VAL A 69 -20.26 5.98 23.24
C VAL A 69 -20.79 5.06 24.32
N LYS A 70 -21.91 5.45 24.92
CA LYS A 70 -22.51 4.65 25.98
C LYS A 70 -23.54 3.68 25.44
N LEU A 71 -23.47 2.44 25.90
CA LEU A 71 -24.43 1.42 25.47
C LEU A 71 -25.61 1.43 26.43
N THR A 72 -26.83 1.46 25.90
CA THR A 72 -28.00 1.46 26.76
C THR A 72 -28.31 0.04 27.21
N LYS A 73 -27.46 -0.48 28.07
CA LYS A 73 -27.59 -1.83 28.62
C LYS A 73 -28.77 -1.99 29.57
N ARG A 74 -28.74 -3.05 30.36
CA ARG A 74 -29.81 -3.32 31.31
C ARG A 74 -29.30 -3.96 32.61
N SER A 75 -30.23 -4.39 33.45
CA SER A 75 -29.92 -5.00 34.74
C SER A 75 -28.97 -6.21 34.77
N GLY A 76 -29.18 -7.05 35.79
CA GLY A 76 -28.36 -8.24 36.02
C GLY A 76 -27.98 -9.19 34.92
N HIS A 77 -27.32 -8.70 33.87
CA HIS A 77 -26.90 -9.57 32.78
C HIS A 77 -25.38 -9.63 32.79
N THR A 78 -24.78 -9.12 33.87
CA THR A 78 -23.34 -9.09 34.06
C THR A 78 -22.58 -8.39 32.92
N GLN A 79 -23.03 -7.20 32.57
CA GLN A 79 -22.38 -6.41 31.52
C GLN A 79 -22.30 -4.97 31.99
N THR A 80 -22.01 -4.05 31.07
CA THR A 80 -21.92 -2.63 31.41
C THR A 80 -22.37 -1.79 30.21
N ASP A 81 -22.11 -0.49 30.27
CA ASP A 81 -22.48 0.41 29.18
C ASP A 81 -21.24 0.78 28.41
N TYR A 82 -20.13 0.13 28.76
CA TYR A 82 -18.85 0.42 28.15
C TYR A 82 -18.43 -0.27 26.86
N ILE A 83 -17.82 0.51 26.00
CA ILE A 83 -17.26 0.05 24.74
C ILE A 83 -16.21 1.08 24.35
N ASN A 84 -15.02 0.62 23.98
CA ASN A 84 -13.98 1.55 23.60
C ASN A 84 -14.32 2.17 22.26
N ALA A 85 -15.10 3.25 22.31
CA ALA A 85 -15.50 3.97 21.10
C ALA A 85 -15.77 5.42 21.47
N SER A 86 -15.38 6.33 20.60
CA SER A 86 -15.55 7.76 20.87
C SER A 86 -16.30 8.47 19.76
N PHE A 87 -17.20 9.36 20.15
CA PHE A 87 -17.95 10.16 19.19
C PHE A 87 -16.96 11.18 18.63
N MET A 88 -16.97 11.37 17.32
CA MET A 88 -16.05 12.30 16.69
C MET A 88 -16.77 13.25 15.76
N ASP A 89 -16.56 14.55 15.94
CA ASP A 89 -17.18 15.54 15.10
C ASP A 89 -16.53 15.49 13.73
N GLY A 90 -17.20 16.10 12.76
CA GLY A 90 -16.69 16.16 11.41
C GLY A 90 -16.71 17.63 11.04
N TYR A 91 -16.35 17.96 9.81
CA TYR A 91 -16.35 19.35 9.38
C TYR A 91 -17.77 19.93 9.49
N LYS A 92 -17.96 20.87 10.42
CA LYS A 92 -19.26 21.51 10.62
C LYS A 92 -20.35 20.47 10.83
N GLN A 93 -20.01 19.36 11.48
CA GLN A 93 -20.97 18.29 11.71
C GLN A 93 -20.68 17.58 13.03
N LYS A 94 -21.65 17.60 13.94
CA LYS A 94 -21.46 16.94 15.22
C LYS A 94 -21.64 15.43 15.05
N ASN A 95 -20.81 14.66 15.76
CA ASN A 95 -20.85 13.20 15.71
C ASN A 95 -20.89 12.60 14.31
N ALA A 96 -19.99 13.05 13.45
CA ALA A 96 -19.95 12.54 12.09
C ALA A 96 -19.38 11.12 12.10
N TYR A 97 -18.54 10.83 13.08
CA TYR A 97 -17.94 9.50 13.17
C TYR A 97 -17.93 8.95 14.57
N ILE A 98 -17.60 7.67 14.63
CA ILE A 98 -17.42 6.97 15.88
C ILE A 98 -16.11 6.23 15.64
N GLY A 99 -15.06 6.68 16.30
CA GLY A 99 -13.77 6.05 16.16
C GLY A 99 -13.71 5.00 17.24
N THR A 100 -13.41 3.77 16.86
CA THR A 100 -13.36 2.68 17.83
C THR A 100 -12.28 1.66 17.49
N GLN A 101 -11.97 0.80 18.45
CA GLN A 101 -10.95 -0.23 18.25
C GLN A 101 -11.49 -1.38 17.42
N GLY A 102 -10.60 -2.29 17.03
CA GLY A 102 -11.02 -3.46 16.28
C GLY A 102 -11.70 -4.35 17.30
N PRO A 103 -12.96 -4.75 17.09
CA PRO A 103 -13.66 -5.61 18.05
C PRO A 103 -12.93 -6.86 18.52
N LEU A 104 -13.14 -7.20 19.78
CA LEU A 104 -12.56 -8.38 20.40
C LEU A 104 -13.71 -9.38 20.48
N GLU A 105 -13.41 -10.66 20.63
CA GLU A 105 -14.46 -11.67 20.70
C GLU A 105 -15.48 -11.35 21.79
N ASN A 106 -14.99 -10.90 22.94
CA ASN A 106 -15.87 -10.57 24.06
C ASN A 106 -16.59 -9.23 23.91
N THR A 107 -16.36 -8.53 22.79
CA THR A 107 -17.04 -7.26 22.57
C THR A 107 -17.81 -7.24 21.25
N TYR A 108 -17.91 -8.38 20.58
CA TYR A 108 -18.63 -8.44 19.31
C TYR A 108 -20.07 -7.96 19.48
N ARG A 109 -20.76 -8.49 20.47
CA ARG A 109 -22.14 -8.11 20.69
C ARG A 109 -22.27 -6.62 21.06
N ASP A 110 -21.32 -6.11 21.83
CA ASP A 110 -21.35 -4.70 22.21
C ASP A 110 -21.19 -3.85 20.95
N PHE A 111 -20.31 -4.26 20.05
CA PHE A 111 -20.07 -3.53 18.81
C PHE A 111 -21.36 -3.42 18.01
N TRP A 112 -22.05 -4.53 17.86
CA TRP A 112 -23.30 -4.52 17.09
C TRP A 112 -24.42 -3.82 17.82
N LEU A 113 -24.40 -3.87 19.14
CA LEU A 113 -25.41 -3.18 19.92
C LEU A 113 -25.22 -1.69 19.68
N MET A 114 -23.96 -1.27 19.55
CA MET A 114 -23.67 0.14 19.30
C MET A 114 -24.14 0.52 17.89
N VAL A 115 -23.86 -0.34 16.93
CA VAL A 115 -24.26 -0.10 15.56
C VAL A 115 -25.77 0.07 15.49
N TRP A 116 -26.50 -0.80 16.18
CA TRP A 116 -27.95 -0.72 16.17
C TRP A 116 -28.48 0.51 16.90
N GLU A 117 -28.03 0.71 18.13
CA GLU A 117 -28.44 1.84 18.95
C GLU A 117 -28.15 3.20 18.33
N GLN A 118 -27.01 3.30 17.66
CA GLN A 118 -26.60 4.55 17.04
C GLN A 118 -27.12 4.69 15.62
N LYS A 119 -27.85 3.68 15.15
CA LYS A 119 -28.44 3.68 13.81
C LYS A 119 -27.40 3.85 12.69
N VAL A 120 -26.23 3.24 12.88
CA VAL A 120 -25.14 3.29 11.91
C VAL A 120 -25.52 2.64 10.57
N LEU A 121 -25.15 3.28 9.48
CA LEU A 121 -25.43 2.77 8.14
C LEU A 121 -24.17 2.33 7.40
N VAL A 122 -23.03 2.87 7.82
CA VAL A 122 -21.77 2.53 7.18
C VAL A 122 -20.66 2.27 8.19
N ILE A 123 -19.91 1.20 7.94
CA ILE A 123 -18.78 0.83 8.80
C ILE A 123 -17.54 0.82 7.92
N VAL A 124 -16.47 1.43 8.41
CA VAL A 124 -15.22 1.50 7.67
C VAL A 124 -14.11 0.77 8.45
N MET A 125 -13.57 -0.28 7.86
CA MET A 125 -12.49 -1.05 8.48
C MET A 125 -11.21 -0.69 7.71
N THR A 126 -10.20 -0.23 8.43
CA THR A 126 -8.94 0.17 7.79
C THR A 126 -7.78 -0.82 7.86
N THR A 127 -8.01 -2.01 8.40
CA THR A 127 -6.95 -3.01 8.48
C THR A 127 -7.48 -4.39 8.11
N ARG A 128 -6.62 -5.39 8.30
CA ARG A 128 -6.98 -6.78 8.06
C ARG A 128 -7.05 -7.32 9.48
N PHE A 129 -7.44 -8.57 9.64
CA PHE A 129 -7.54 -9.15 10.97
C PHE A 129 -6.21 -9.23 11.68
N GLU A 130 -5.15 -9.40 10.91
CA GLU A 130 -3.80 -9.50 11.42
C GLU A 130 -2.83 -9.00 10.36
N GLU A 131 -1.78 -8.31 10.80
CA GLU A 131 -0.77 -7.77 9.90
C GLU A 131 0.60 -7.87 10.57
N GLY A 132 1.54 -8.51 9.88
CA GLY A 132 2.87 -8.66 10.44
C GLY A 132 2.89 -9.53 11.69
N GLY A 133 1.82 -10.29 11.88
CA GLY A 133 1.73 -11.16 13.04
C GLY A 133 1.05 -10.48 14.22
N ARG A 134 0.61 -9.25 14.00
CA ARG A 134 -0.06 -8.48 15.04
C ARG A 134 -1.57 -8.58 14.84
N ARG A 135 -2.28 -9.10 15.84
CA ARG A 135 -3.72 -9.18 15.72
C ARG A 135 -4.20 -7.74 15.75
N LYS A 136 -5.18 -7.42 14.92
CA LYS A 136 -5.65 -6.05 14.88
C LYS A 136 -7.18 -5.94 14.87
N CYS A 137 -7.86 -7.06 14.68
CA CYS A 137 -9.32 -7.06 14.64
C CYS A 137 -9.90 -8.47 14.57
N GLY A 138 -10.97 -8.69 15.32
CA GLY A 138 -11.61 -10.00 15.31
C GLY A 138 -12.56 -10.14 14.14
N GLN A 139 -12.94 -11.37 13.82
CA GLN A 139 -13.88 -11.62 12.73
C GLN A 139 -15.28 -11.43 13.28
N TYR A 140 -15.71 -10.17 13.32
CA TYR A 140 -17.01 -9.83 13.87
C TYR A 140 -18.20 -9.85 12.91
N TRP A 141 -17.97 -10.13 11.64
CA TRP A 141 -19.08 -10.14 10.69
C TRP A 141 -19.01 -11.36 9.78
N PRO A 142 -20.16 -11.84 9.27
CA PRO A 142 -20.17 -13.00 8.38
C PRO A 142 -19.48 -12.66 7.06
N LEU A 143 -18.42 -13.39 6.76
CA LEU A 143 -17.61 -13.16 5.57
C LEU A 143 -18.22 -13.44 4.19
N GLU A 144 -18.85 -14.60 4.03
CA GLU A 144 -19.44 -14.95 2.74
C GLU A 144 -20.94 -14.79 2.66
N LYS A 145 -21.41 -14.54 1.43
CA LYS A 145 -22.82 -14.35 1.14
C LYS A 145 -23.69 -15.43 1.77
N ASP A 146 -24.80 -14.99 2.36
CA ASP A 146 -25.78 -15.86 3.01
C ASP A 146 -25.39 -16.44 4.36
N SER A 147 -24.14 -16.28 4.78
CA SER A 147 -23.74 -16.80 6.07
C SER A 147 -24.27 -15.79 7.10
N ARG A 148 -24.52 -16.25 8.32
CA ARG A 148 -25.03 -15.36 9.34
C ARG A 148 -24.47 -15.69 10.71
N ILE A 149 -24.46 -14.69 11.58
CA ILE A 149 -23.98 -14.85 12.93
C ILE A 149 -24.99 -14.25 13.88
N ARG A 150 -25.31 -15.00 14.93
CA ARG A 150 -26.26 -14.53 15.93
C ARG A 150 -25.52 -13.99 17.13
N PHE A 151 -25.89 -12.79 17.53
CA PHE A 151 -25.30 -12.12 18.69
C PHE A 151 -26.44 -11.83 19.63
N GLY A 152 -27.03 -12.90 20.16
CA GLY A 152 -28.14 -12.75 21.09
C GLY A 152 -29.44 -12.46 20.36
N PHE A 153 -29.96 -11.25 20.56
CA PHE A 153 -31.20 -10.84 19.91
C PHE A 153 -30.93 -10.14 18.59
N LEU A 154 -29.64 -10.03 18.25
CA LEU A 154 -29.22 -9.41 17.01
C LEU A 154 -28.61 -10.47 16.08
N THR A 155 -29.09 -10.50 14.84
CA THR A 155 -28.58 -11.45 13.85
C THR A 155 -28.02 -10.64 12.68
N VAL A 156 -26.83 -11.00 12.22
CA VAL A 156 -26.20 -10.30 11.11
C VAL A 156 -26.01 -11.25 9.93
N THR A 157 -26.57 -10.90 8.78
CA THR A 157 -26.48 -11.73 7.59
C THR A 157 -25.77 -11.03 6.43
N ASN A 158 -24.91 -11.77 5.74
CA ASN A 158 -24.18 -11.22 4.61
C ASN A 158 -25.08 -11.32 3.39
N LEU A 159 -25.36 -10.19 2.76
CA LEU A 159 -26.22 -10.15 1.57
C LEU A 159 -25.43 -10.07 0.27
N GLY A 160 -24.11 -9.97 0.37
CA GLY A 160 -23.31 -9.90 -0.83
C GLY A 160 -22.01 -9.14 -0.61
N VAL A 161 -20.97 -9.56 -1.34
CA VAL A 161 -19.64 -8.95 -1.25
C VAL A 161 -19.12 -8.64 -2.64
N GLU A 162 -18.33 -7.58 -2.75
CA GLU A 162 -17.73 -7.21 -4.02
C GLU A 162 -16.30 -6.76 -3.78
N ASN A 163 -15.35 -7.34 -4.51
CA ASN A 163 -13.96 -6.97 -4.35
C ASN A 163 -13.50 -5.96 -5.37
N MET A 164 -13.01 -4.82 -4.89
CA MET A 164 -12.50 -3.76 -5.75
C MET A 164 -10.99 -3.84 -5.67
N ASN A 165 -10.32 -2.99 -6.43
CA ASN A 165 -8.87 -2.98 -6.43
C ASN A 165 -8.26 -2.53 -5.11
N HIS A 166 -8.90 -1.56 -4.45
CA HIS A 166 -8.38 -1.02 -3.20
C HIS A 166 -9.28 -1.19 -1.98
N TYR A 167 -10.43 -1.81 -2.16
CA TYR A 167 -11.34 -2.03 -1.04
C TYR A 167 -12.36 -3.09 -1.37
N LYS A 168 -12.96 -3.66 -0.33
CA LYS A 168 -13.98 -4.68 -0.48
C LYS A 168 -15.25 -4.14 0.17
N LYS A 169 -16.38 -4.35 -0.50
CA LYS A 169 -17.68 -3.88 0.01
C LYS A 169 -18.58 -5.07 0.31
N THR A 170 -19.17 -5.06 1.51
CA THR A 170 -20.07 -6.12 1.94
C THR A 170 -21.38 -5.51 2.43
N THR A 171 -22.49 -6.08 2.00
CA THR A 171 -23.80 -5.60 2.43
C THR A 171 -24.28 -6.52 3.53
N LEU A 172 -24.68 -5.94 4.65
CA LEU A 172 -25.14 -6.73 5.77
C LEU A 172 -26.56 -6.34 6.18
N GLU A 173 -27.27 -7.33 6.73
CA GLU A 173 -28.61 -7.12 7.22
C GLU A 173 -28.59 -7.43 8.71
N ILE A 174 -28.95 -6.44 9.52
CA ILE A 174 -28.97 -6.64 10.96
C ILE A 174 -30.43 -6.84 11.37
N HIS A 175 -30.70 -7.99 11.98
CA HIS A 175 -32.06 -8.30 12.41
C HIS A 175 -32.19 -8.27 13.92
N ASN A 176 -32.92 -7.29 14.42
CA ASN A 176 -33.15 -7.17 15.86
C ASN A 176 -34.41 -7.97 16.18
N THR A 177 -34.22 -9.15 16.75
CA THR A 177 -35.34 -10.04 17.08
C THR A 177 -36.19 -9.58 18.26
N GLU A 178 -35.64 -8.68 19.06
CA GLU A 178 -36.39 -8.18 20.22
C GLU A 178 -37.38 -7.10 19.77
N GLU A 179 -36.95 -6.26 18.83
CA GLU A 179 -37.82 -5.20 18.32
C GLU A 179 -38.45 -5.55 16.98
N ARG A 180 -38.16 -6.75 16.48
CA ARG A 180 -38.69 -7.21 15.20
C ARG A 180 -38.48 -6.17 14.10
N GLN A 181 -37.22 -5.80 13.89
CA GLN A 181 -36.86 -4.82 12.87
C GLN A 181 -35.60 -5.24 12.13
N LYS A 182 -35.47 -4.78 10.89
CA LYS A 182 -34.32 -5.09 10.06
C LYS A 182 -33.72 -3.84 9.44
N ARG A 183 -32.39 -3.84 9.30
CA ARG A 183 -31.69 -2.71 8.71
C ARG A 183 -30.53 -3.21 7.86
N GLN A 184 -30.23 -2.46 6.81
CA GLN A 184 -29.11 -2.81 5.95
C GLN A 184 -27.95 -1.89 6.30
N VAL A 185 -26.77 -2.48 6.41
CA VAL A 185 -25.56 -1.72 6.73
C VAL A 185 -24.48 -2.09 5.72
N THR A 186 -23.75 -1.09 5.24
CA THR A 186 -22.68 -1.36 4.30
C THR A 186 -21.36 -1.37 5.06
N HIS A 187 -20.58 -2.44 4.87
CA HIS A 187 -19.30 -2.60 5.52
C HIS A 187 -18.20 -2.45 4.46
N PHE A 188 -17.26 -1.54 4.70
CA PHE A 188 -16.15 -1.28 3.79
C PHE A 188 -14.82 -1.63 4.46
N GLN A 189 -13.97 -2.32 3.72
CA GLN A 189 -12.65 -2.65 4.24
C GLN A 189 -11.64 -2.13 3.25
N PHE A 190 -10.84 -1.15 3.68
CA PHE A 190 -9.80 -0.58 2.83
C PHE A 190 -8.69 -1.63 2.81
N LEU A 191 -8.25 -1.99 1.60
CA LEU A 191 -7.24 -3.01 1.44
C LEU A 191 -5.83 -2.52 1.12
N SER A 192 -5.69 -1.25 0.76
CA SER A 192 -4.38 -0.74 0.36
C SER A 192 -3.47 -0.04 1.35
N TRP A 193 -3.74 -0.16 2.66
CA TRP A 193 -2.82 0.47 3.60
C TRP A 193 -1.70 -0.56 3.79
N PRO A 194 -0.46 -0.15 3.53
CA PRO A 194 0.71 -1.02 3.66
C PRO A 194 0.96 -1.54 5.07
N ASP A 195 1.60 -2.70 5.16
CA ASP A 195 1.93 -3.30 6.44
C ASP A 195 2.90 -2.42 7.21
N TYR A 196 3.74 -1.70 6.49
CA TYR A 196 4.71 -0.81 7.09
C TYR A 196 4.57 0.60 6.55
N GLY A 197 4.81 1.58 7.41
CA GLY A 197 4.71 2.97 6.99
C GLY A 197 3.32 3.43 6.58
N VAL A 198 3.27 4.39 5.66
CA VAL A 198 2.02 4.95 5.19
C VAL A 198 1.91 4.74 3.68
N PRO A 199 0.71 4.96 3.11
CA PRO A 199 0.59 4.77 1.67
C PRO A 199 1.58 5.65 0.91
N SER A 200 2.16 5.13 -0.16
CA SER A 200 3.12 5.88 -0.95
C SER A 200 2.38 6.97 -1.72
N SER A 201 1.10 6.72 -1.99
CA SER A 201 0.25 7.68 -2.69
C SER A 201 -1.08 7.71 -1.96
N ALA A 202 -1.69 8.89 -1.89
CA ALA A 202 -2.96 9.04 -1.21
C ALA A 202 -4.17 8.87 -2.15
N ALA A 203 -3.90 8.78 -3.45
CA ALA A 203 -4.96 8.65 -4.45
C ALA A 203 -5.98 7.56 -4.11
N SER A 204 -5.49 6.38 -3.75
CA SER A 204 -6.36 5.26 -3.42
C SER A 204 -7.25 5.54 -2.22
N LEU A 205 -6.63 6.05 -1.15
CA LEU A 205 -7.37 6.36 0.08
C LEU A 205 -8.37 7.51 -0.12
N ILE A 206 -8.00 8.49 -0.94
CA ILE A 206 -8.93 9.60 -1.16
C ILE A 206 -10.10 9.11 -2.02
N ASP A 207 -9.83 8.20 -2.94
CA ASP A 207 -10.91 7.67 -3.77
C ASP A 207 -11.85 6.83 -2.90
N PHE A 208 -11.27 6.06 -1.98
CA PHE A 208 -12.02 5.22 -1.06
C PHE A 208 -12.90 6.11 -0.18
N LEU A 209 -12.35 7.23 0.23
CA LEU A 209 -13.09 8.18 1.04
C LEU A 209 -14.33 8.65 0.28
N ARG A 210 -14.18 8.90 -1.01
CA ARG A 210 -15.30 9.36 -1.82
C ARG A 210 -16.37 8.28 -1.90
N VAL A 211 -15.93 7.03 -2.01
CA VAL A 211 -16.86 5.91 -2.08
C VAL A 211 -17.68 5.86 -0.79
N VAL A 212 -17.00 5.93 0.35
CA VAL A 212 -17.67 5.91 1.64
C VAL A 212 -18.65 7.09 1.78
N ARG A 213 -18.21 8.28 1.40
CA ARG A 213 -19.04 9.47 1.48
C ARG A 213 -20.34 9.28 0.68
N ASN A 214 -20.20 8.83 -0.56
CA ASN A 214 -21.37 8.63 -1.40
C ASN A 214 -22.32 7.57 -0.86
N GLN A 215 -21.77 6.51 -0.25
CA GLN A 215 -22.62 5.45 0.28
C GLN A 215 -23.40 5.92 1.50
N GLN A 216 -22.73 6.71 2.35
CA GLN A 216 -23.37 7.25 3.55
C GLN A 216 -24.51 8.16 3.10
N SER A 217 -24.22 9.02 2.14
CA SER A 217 -25.22 9.95 1.61
C SER A 217 -26.43 9.18 1.10
N LEU A 218 -26.17 8.14 0.31
CA LEU A 218 -27.23 7.33 -0.25
C LEU A 218 -28.04 6.61 0.82
N ALA A 219 -27.36 6.00 1.77
CA ALA A 219 -28.01 5.28 2.84
C ALA A 219 -28.88 6.23 3.67
N VAL A 220 -28.36 7.44 3.92
CA VAL A 220 -29.08 8.44 4.70
C VAL A 220 -30.37 8.87 4.00
N SER A 221 -30.29 9.12 2.70
CA SER A 221 -31.45 9.54 1.94
C SER A 221 -32.55 8.50 1.98
N ASN A 222 -32.15 7.23 2.05
CA ASN A 222 -33.10 6.13 2.09
C ASN A 222 -33.58 5.76 3.49
N MET A 223 -32.86 6.19 4.52
CA MET A 223 -33.25 5.88 5.88
C MET A 223 -34.50 6.69 6.26
N GLU A 233 -27.87 13.06 10.92
CA GLU A 233 -27.28 11.94 10.21
C GLU A 233 -26.51 11.01 11.15
N PRO A 234 -26.69 9.69 10.99
CA PRO A 234 -25.99 8.71 11.85
C PRO A 234 -24.49 8.80 11.62
N PRO A 235 -23.71 8.39 12.62
CA PRO A 235 -22.26 8.45 12.48
C PRO A 235 -21.73 7.28 11.66
N ILE A 236 -20.58 7.48 11.04
CA ILE A 236 -19.93 6.43 10.27
C ILE A 236 -18.99 5.78 11.27
N VAL A 237 -19.01 4.46 11.36
CA VAL A 237 -18.12 3.79 12.29
C VAL A 237 -16.81 3.55 11.55
N VAL A 238 -15.72 4.04 12.12
CA VAL A 238 -14.40 3.87 11.53
C VAL A 238 -13.49 3.21 12.55
N HIS A 239 -12.82 2.15 12.17
CA HIS A 239 -11.95 1.48 13.12
C HIS A 239 -10.69 0.89 12.53
N CYS A 240 -9.69 0.77 13.39
CA CYS A 240 -8.41 0.18 13.06
C CYS A 240 -8.04 -0.55 14.35
N SER A 241 -6.84 -1.10 14.46
CA SER A 241 -6.49 -1.84 15.66
C SER A 241 -6.86 -1.12 16.96
N ALA A 242 -6.26 0.05 17.20
CA ALA A 242 -6.54 0.81 18.42
C ALA A 242 -7.53 1.94 18.17
N GLY A 243 -7.90 2.14 16.92
CA GLY A 243 -8.86 3.19 16.59
C GLY A 243 -8.32 4.60 16.72
N ILE A 244 -7.01 4.78 16.59
CA ILE A 244 -6.42 6.11 16.70
C ILE A 244 -5.45 6.48 15.57
N GLY A 245 -4.78 5.49 14.99
CA GLY A 245 -3.83 5.76 13.93
C GLY A 245 -4.48 5.95 12.55
N ARG A 246 -4.75 4.85 11.87
CA ARG A 246 -5.37 4.93 10.55
C ARG A 246 -6.74 5.57 10.65
N THR A 247 -7.41 5.37 11.77
CA THR A 247 -8.73 5.96 11.98
C THR A 247 -8.65 7.48 12.01
N GLY A 248 -7.71 8.01 12.79
CA GLY A 248 -7.54 9.45 12.88
C GLY A 248 -7.07 10.04 11.57
N THR A 249 -6.30 9.27 10.81
CA THR A 249 -5.80 9.73 9.52
C THR A 249 -6.97 9.85 8.56
N PHE A 250 -7.82 8.82 8.51
CA PHE A 250 -8.98 8.83 7.63
C PHE A 250 -9.90 10.01 7.95
N CYS A 251 -10.19 10.21 9.22
CA CYS A 251 -11.08 11.29 9.62
C CYS A 251 -10.48 12.68 9.46
N SER A 252 -9.18 12.81 9.72
CA SER A 252 -8.54 14.12 9.57
C SER A 252 -8.50 14.54 8.10
N LEU A 253 -8.33 13.57 7.23
CA LEU A 253 -8.26 13.83 5.80
C LEU A 253 -9.65 14.19 5.26
N ASP A 254 -10.67 13.51 5.76
CA ASP A 254 -12.05 13.77 5.35
C ASP A 254 -12.43 15.20 5.75
N ILE A 255 -12.04 15.59 6.95
CA ILE A 255 -12.33 16.92 7.47
C ILE A 255 -11.62 18.02 6.69
N CYS A 256 -10.32 17.87 6.49
CA CYS A 256 -9.54 18.86 5.75
C CYS A 256 -10.03 18.96 4.31
N LEU A 257 -10.21 17.81 3.67
CA LEU A 257 -10.67 17.79 2.29
C LEU A 257 -12.04 18.43 2.16
N ALA A 258 -12.89 18.25 3.18
CA ALA A 258 -14.22 18.82 3.17
C ALA A 258 -14.14 20.33 3.19
N GLN A 259 -13.27 20.85 4.05
CA GLN A 259 -13.08 22.29 4.18
C GLN A 259 -12.40 22.84 2.93
N LEU A 260 -11.47 22.07 2.38
CA LEU A 260 -10.76 22.50 1.19
C LEU A 260 -11.74 22.68 0.03
N GLU A 261 -12.71 21.78 -0.05
CA GLU A 261 -13.71 21.86 -1.12
C GLU A 261 -14.62 23.06 -0.93
N GLU A 262 -15.11 23.25 0.30
CA GLU A 262 -16.02 24.34 0.62
C GLU A 262 -15.42 25.75 0.66
N LEU A 263 -14.21 25.90 1.19
CA LEU A 263 -13.63 27.23 1.29
C LEU A 263 -12.25 27.40 0.67
N GLY A 264 -11.67 26.31 0.19
CA GLY A 264 -10.35 26.38 -0.41
C GLY A 264 -9.24 26.58 0.62
N THR A 265 -9.52 26.24 1.88
CA THR A 265 -8.53 26.38 2.93
C THR A 265 -8.57 25.19 3.89
N LEU A 266 -7.52 25.04 4.69
CA LEU A 266 -7.46 23.95 5.65
C LEU A 266 -6.34 24.19 6.66
N ASN A 267 -6.38 23.45 7.76
CA ASN A 267 -5.36 23.56 8.79
C ASN A 267 -5.19 22.18 9.42
N VAL A 268 -4.15 21.47 9.00
CA VAL A 268 -3.87 20.14 9.51
C VAL A 268 -3.65 20.14 11.02
N PHE A 269 -2.81 21.07 11.49
CA PHE A 269 -2.50 21.18 12.91
C PHE A 269 -3.78 21.34 13.74
N GLN A 270 -4.61 22.29 13.34
CA GLN A 270 -5.87 22.55 14.04
C GLN A 270 -6.76 21.31 14.04
N THR A 271 -6.92 20.71 12.88
CA THR A 271 -7.77 19.53 12.76
C THR A 271 -7.31 18.38 13.65
N VAL A 272 -6.03 18.04 13.60
CA VAL A 272 -5.52 16.96 14.43
C VAL A 272 -5.63 17.31 15.91
N SER A 273 -5.31 18.55 16.27
CA SER A 273 -5.38 18.98 17.65
C SER A 273 -6.83 18.90 18.17
N ARG A 274 -7.79 19.32 17.36
CA ARG A 274 -9.19 19.26 17.77
C ARG A 274 -9.68 17.81 17.85
N MET A 275 -9.26 16.99 16.90
CA MET A 275 -9.68 15.60 16.87
C MET A 275 -9.22 14.85 18.12
N ARG A 276 -8.03 15.18 18.60
CA ARG A 276 -7.47 14.52 19.78
C ARG A 276 -8.15 14.89 21.11
N THR A 277 -9.13 15.78 21.04
CA THR A 277 -9.86 16.18 22.23
C THR A 277 -11.15 15.36 22.28
N GLN A 278 -11.39 14.59 21.22
CA GLN A 278 -12.58 13.76 21.13
C GLN A 278 -12.20 12.28 21.06
N ARG A 279 -11.20 11.96 20.25
CA ARG A 279 -10.71 10.59 20.17
C ARG A 279 -9.24 10.74 20.55
N ALA A 280 -8.99 10.66 21.85
CA ALA A 280 -7.63 10.83 22.36
C ALA A 280 -6.61 9.95 21.64
N PHE A 281 -5.43 10.53 21.42
CA PHE A 281 -4.30 9.87 20.77
C PHE A 281 -4.41 9.72 19.26
N SER A 282 -5.42 10.35 18.64
CA SER A 282 -5.58 10.26 17.19
C SER A 282 -4.26 10.65 16.51
N ILE A 283 -3.86 9.88 15.51
CA ILE A 283 -2.61 10.08 14.77
C ILE A 283 -1.50 9.60 15.70
N GLN A 284 -1.13 8.33 15.56
CA GLN A 284 -0.14 7.72 16.42
C GLN A 284 1.35 7.80 16.08
N THR A 285 1.69 8.27 14.89
CA THR A 285 3.10 8.35 14.52
C THR A 285 3.40 9.63 13.73
N PRO A 286 4.64 10.12 13.81
CA PRO A 286 4.98 11.34 13.06
C PRO A 286 4.82 11.14 11.56
N GLU A 287 4.98 9.89 11.11
CA GLU A 287 4.83 9.55 9.70
C GLU A 287 3.40 9.78 9.24
N GLN A 288 2.43 9.36 10.05
CA GLN A 288 1.02 9.53 9.70
C GLN A 288 0.64 11.01 9.71
N TYR A 289 1.27 11.78 10.60
CA TYR A 289 1.00 13.21 10.67
C TYR A 289 1.53 13.84 9.39
N TYR A 290 2.75 13.48 9.03
CA TYR A 290 3.35 14.00 7.81
C TYR A 290 2.51 13.57 6.61
N PHE A 291 2.03 12.33 6.63
CA PHE A 291 1.20 11.81 5.55
C PHE A 291 -0.02 12.69 5.27
N CYS A 292 -0.60 13.24 6.33
CA CYS A 292 -1.77 14.11 6.20
C CYS A 292 -1.43 15.30 5.31
N TYR A 293 -0.31 15.95 5.60
CA TYR A 293 0.15 17.09 4.83
C TYR A 293 0.46 16.70 3.39
N LYS A 294 1.20 15.61 3.22
CA LYS A 294 1.57 15.15 1.88
C LYS A 294 0.37 14.72 1.05
N ALA A 295 -0.59 14.05 1.69
CA ALA A 295 -1.78 13.59 1.00
C ALA A 295 -2.57 14.78 0.44
N ILE A 296 -2.65 15.86 1.22
CA ILE A 296 -3.36 17.06 0.79
C ILE A 296 -2.63 17.72 -0.37
N LEU A 297 -1.30 17.81 -0.27
CA LEU A 297 -0.50 18.41 -1.34
C LEU A 297 -0.56 17.57 -2.61
N GLU A 298 -0.62 16.25 -2.44
CA GLU A 298 -0.71 15.34 -3.58
C GLU A 298 -2.08 15.50 -4.23
N PHE A 299 -3.10 15.71 -3.40
CA PHE A 299 -4.46 15.89 -3.89
C PHE A 299 -4.54 17.21 -4.66
N ALA A 300 -3.94 18.26 -4.11
CA ALA A 300 -3.94 19.56 -4.74
C ALA A 300 -3.25 19.52 -6.11
N GLU A 301 -2.19 18.72 -6.22
CA GLU A 301 -1.46 18.61 -7.48
C GLU A 301 -2.29 17.84 -8.50
N LYS A 302 -2.94 16.77 -8.05
CA LYS A 302 -3.77 15.96 -8.92
C LYS A 302 -4.94 16.80 -9.40
N GLU A 303 -5.31 17.81 -8.60
CA GLU A 303 -6.42 18.70 -8.94
C GLU A 303 -5.92 19.89 -9.78
N GLY A 304 -4.62 19.90 -10.06
CA GLY A 304 -4.04 20.98 -10.83
C GLY A 304 -4.05 22.31 -10.09
N MET A 305 -3.95 22.24 -8.77
CA MET A 305 -3.96 23.45 -7.94
C MET A 305 -2.54 23.93 -7.62
N VAL A 306 -1.53 23.21 -8.06
CA VAL A 306 -0.16 23.60 -7.72
C VAL A 306 0.79 23.95 -8.87
N SER A 307 1.49 25.07 -8.70
CA SER A 307 2.48 25.53 -9.68
C SER A 307 3.87 25.35 -9.09
N ALA A 308 4.80 24.84 -9.89
CA ALA A 308 6.17 24.63 -9.42
C ALA A 308 7.01 25.89 -9.60
N SER B 2 16.67 -22.95 -7.06
CA SER B 2 15.61 -21.89 -7.16
C SER B 2 14.31 -22.32 -6.50
N VAL B 3 13.57 -21.34 -5.98
CA VAL B 3 12.29 -21.61 -5.33
C VAL B 3 11.24 -21.80 -6.42
N HIS B 4 11.60 -21.38 -7.63
CA HIS B 4 10.69 -21.51 -8.75
C HIS B 4 10.97 -22.78 -9.52
N VAL B 5 10.27 -23.84 -9.13
CA VAL B 5 10.38 -25.14 -9.77
C VAL B 5 8.94 -25.59 -10.05
N PRO B 6 8.75 -26.41 -11.10
CA PRO B 6 7.42 -26.90 -11.48
C PRO B 6 6.75 -27.84 -10.48
N GLY B 7 5.45 -28.06 -10.68
CA GLY B 7 4.69 -28.96 -9.84
C GLY B 7 4.74 -28.66 -8.35
N PRO B 8 3.61 -28.87 -7.65
CA PRO B 8 2.37 -29.36 -8.25
C PRO B 8 1.44 -28.20 -8.61
N HIS B 9 0.22 -28.54 -9.00
CA HIS B 9 -0.79 -27.55 -9.35
C HIS B 9 -0.53 -26.76 -10.63
N ALA B 10 0.55 -27.09 -11.34
CA ALA B 10 0.87 -26.41 -12.60
C ALA B 10 -0.24 -26.67 -13.61
N MET B 11 -0.71 -25.62 -14.28
CA MET B 11 -1.79 -25.76 -15.25
C MET B 11 -1.39 -25.51 -16.69
N THR B 12 -2.06 -26.20 -17.61
CA THR B 12 -1.83 -26.03 -19.03
C THR B 12 -2.61 -24.79 -19.45
N ILE B 13 -2.39 -24.33 -20.68
CA ILE B 13 -3.10 -23.17 -21.17
C ILE B 13 -4.61 -23.37 -21.14
N GLN B 14 -5.05 -24.54 -21.59
CA GLN B 14 -6.47 -24.84 -21.61
C GLN B 14 -7.05 -24.86 -20.19
N GLU B 15 -6.32 -25.46 -19.25
CA GLU B 15 -6.78 -25.53 -17.87
C GLU B 15 -6.83 -24.13 -17.24
N LEU B 16 -5.90 -23.27 -17.62
CA LEU B 16 -5.85 -21.90 -17.08
C LEU B 16 -7.01 -21.10 -17.65
N VAL B 17 -7.40 -21.43 -18.87
CA VAL B 17 -8.50 -20.78 -19.55
C VAL B 17 -9.78 -21.01 -18.75
N ASP B 18 -10.02 -22.25 -18.36
CA ASP B 18 -11.20 -22.63 -17.59
C ASP B 18 -11.10 -22.12 -16.15
N TYR B 19 -9.86 -22.08 -15.64
CA TYR B 19 -9.60 -21.62 -14.29
C TYR B 19 -10.04 -20.17 -14.08
N VAL B 20 -9.64 -19.31 -15.01
CA VAL B 20 -10.00 -17.89 -14.92
C VAL B 20 -11.49 -17.67 -15.19
N ASN B 21 -12.03 -18.39 -16.16
CA ASN B 21 -13.44 -18.26 -16.50
C ASN B 21 -14.35 -18.63 -15.32
N ALA B 22 -13.89 -19.55 -14.48
CA ALA B 22 -14.66 -19.98 -13.33
C ALA B 22 -14.57 -19.00 -12.16
N ARG B 23 -13.53 -18.18 -12.16
CA ARG B 23 -13.36 -17.21 -11.09
C ARG B 23 -13.72 -15.80 -11.50
N GLN B 24 -13.22 -15.37 -12.65
CA GLN B 24 -13.48 -14.03 -13.14
C GLN B 24 -12.76 -13.03 -12.25
N LYS B 25 -13.02 -11.75 -12.48
CA LYS B 25 -12.38 -10.70 -11.71
C LYS B 25 -12.58 -10.91 -10.20
N GLN B 26 -13.84 -11.05 -9.79
CA GLN B 26 -14.14 -11.25 -8.38
C GLN B 26 -13.32 -12.38 -7.78
N GLY B 27 -13.32 -13.54 -8.42
CA GLY B 27 -12.58 -14.68 -7.91
C GLY B 27 -11.07 -14.50 -7.86
N ILE B 28 -10.52 -13.89 -8.90
CA ILE B 28 -9.08 -13.67 -8.96
C ILE B 28 -8.66 -12.62 -7.92
N TYR B 29 -9.50 -11.60 -7.73
CA TYR B 29 -9.21 -10.58 -6.72
C TYR B 29 -9.19 -11.22 -5.33
N GLU B 30 -10.11 -12.14 -5.08
CA GLU B 30 -10.14 -12.81 -3.79
C GLU B 30 -8.85 -13.59 -3.59
N GLU B 31 -8.42 -14.26 -4.66
CA GLU B 31 -7.19 -15.06 -4.63
C GLU B 31 -5.99 -14.21 -4.22
N TYR B 32 -5.91 -13.00 -4.75
CA TYR B 32 -4.80 -12.11 -4.41
C TYR B 32 -4.83 -11.80 -2.93
N GLU B 33 -6.03 -11.58 -2.39
CA GLU B 33 -6.16 -11.27 -0.98
C GLU B 33 -5.59 -12.39 -0.12
N ASP B 34 -5.72 -13.62 -0.58
CA ASP B 34 -5.19 -14.77 0.16
C ASP B 34 -3.68 -14.64 0.19
N ILE B 35 -3.12 -14.17 -0.92
CA ILE B 35 -1.68 -13.98 -1.02
C ILE B 35 -1.22 -12.87 -0.08
N ARG B 36 -1.85 -11.71 -0.19
CA ARG B 36 -1.52 -10.55 0.64
C ARG B 36 -1.75 -10.78 2.12
N ARG B 37 -2.63 -11.72 2.46
CA ARG B 37 -2.95 -12.02 3.84
C ARG B 37 -1.76 -12.70 4.51
N GLU B 38 -0.91 -13.35 3.72
CA GLU B 38 0.25 -14.06 4.24
C GLU B 38 1.40 -13.14 4.64
N ASN B 39 1.78 -13.20 5.91
CA ASN B 39 2.85 -12.38 6.44
C ASN B 39 4.20 -12.93 6.01
N PRO B 40 5.10 -12.06 5.53
CA PRO B 40 6.43 -12.52 5.10
C PRO B 40 7.30 -13.03 6.23
N VAL B 41 8.20 -13.96 5.91
CA VAL B 41 9.11 -14.50 6.90
C VAL B 41 10.47 -13.86 6.68
N GLY B 42 11.10 -13.43 7.77
CA GLY B 42 12.39 -12.77 7.69
C GLY B 42 12.37 -11.49 8.49
N THR B 43 13.33 -10.61 8.27
CA THR B 43 13.39 -9.36 9.00
C THR B 43 13.69 -8.19 8.06
N PHE B 44 13.46 -6.97 8.54
CA PHE B 44 13.69 -5.76 7.75
C PHE B 44 14.60 -4.77 8.48
N HIS B 45 15.34 -5.27 9.46
CA HIS B 45 16.24 -4.44 10.27
C HIS B 45 17.07 -3.41 9.51
N CYS B 46 17.77 -3.85 8.47
CA CYS B 46 18.61 -2.93 7.71
C CYS B 46 17.83 -1.81 7.01
N SER B 47 16.71 -2.16 6.38
CA SER B 47 15.87 -1.18 5.70
C SER B 47 15.28 -0.17 6.69
N MET B 48 14.89 -0.70 7.84
CA MET B 48 14.28 0.09 8.92
C MET B 48 15.33 0.87 9.69
N SER B 49 16.59 0.49 9.52
CA SER B 49 17.70 1.11 10.21
C SER B 49 17.88 2.60 9.94
N PRO B 50 17.93 3.42 11.01
CA PRO B 50 18.12 4.85 10.78
C PRO B 50 19.46 4.96 10.06
N GLY B 51 19.65 6.03 9.28
CA GLY B 51 20.92 6.13 8.58
C GLY B 51 20.80 5.49 7.20
N ASN B 52 19.78 4.65 7.04
CA ASN B 52 19.50 3.99 5.76
C ASN B 52 18.13 4.46 5.30
N LEU B 53 17.44 5.16 6.19
CA LEU B 53 16.11 5.69 5.91
C LEU B 53 16.16 6.58 4.66
N GLU B 54 17.18 7.43 4.62
CA GLU B 54 17.40 8.36 3.52
C GLU B 54 17.65 7.65 2.20
N LYS B 55 17.85 6.34 2.25
CA LYS B 55 18.13 5.56 1.06
C LYS B 55 16.93 4.87 0.45
N ASN B 56 15.78 4.95 1.12
CA ASN B 56 14.57 4.34 0.62
C ASN B 56 13.68 5.41 0.02
N ARG B 57 13.14 5.15 -1.17
CA ARG B 57 12.27 6.11 -1.81
C ARG B 57 10.94 6.12 -1.06
N TYR B 58 10.50 4.95 -0.62
CA TYR B 58 9.24 4.82 0.12
C TYR B 58 9.41 4.06 1.44
N GLY B 59 8.83 4.60 2.50
CA GLY B 59 8.94 3.97 3.81
C GLY B 59 8.05 2.74 3.98
N ASP B 60 7.13 2.52 3.05
CA ASP B 60 6.25 1.37 3.15
C ASP B 60 6.78 0.19 2.35
N VAL B 61 7.95 0.37 1.74
CA VAL B 61 8.54 -0.68 0.91
C VAL B 61 9.93 -1.10 1.37
N PRO B 62 10.04 -1.69 2.57
CA PRO B 62 11.37 -2.12 3.03
C PRO B 62 11.71 -3.43 2.35
N CYS B 63 12.99 -3.81 2.38
CA CYS B 63 13.37 -5.07 1.76
C CYS B 63 13.96 -6.01 2.81
N LEU B 64 13.79 -7.31 2.58
CA LEU B 64 14.26 -8.35 3.48
C LEU B 64 15.77 -8.39 3.64
N ASP B 65 16.23 -8.61 4.87
CA ASP B 65 17.65 -8.68 5.16
C ASP B 65 18.25 -9.94 4.54
N GLN B 66 17.46 -11.02 4.57
CA GLN B 66 17.90 -12.31 4.04
C GLN B 66 18.24 -12.32 2.55
N THR B 67 17.60 -11.46 1.77
CA THR B 67 17.86 -11.46 0.33
C THR B 67 18.30 -10.12 -0.25
N ARG B 68 18.66 -9.16 0.60
CA ARG B 68 19.09 -7.86 0.11
C ARG B 68 20.48 -7.90 -0.52
N VAL B 69 20.69 -7.07 -1.52
CA VAL B 69 21.99 -7.02 -2.19
C VAL B 69 22.91 -6.13 -1.36
N LYS B 70 23.94 -6.74 -0.79
CA LYS B 70 24.90 -6.03 0.04
C LYS B 70 26.03 -5.42 -0.79
N LEU B 71 26.38 -4.17 -0.47
CA LEU B 71 27.44 -3.45 -1.18
C LEU B 71 28.70 -3.38 -0.34
N THR B 72 29.84 -3.30 -1.00
CA THR B 72 31.11 -3.18 -0.29
C THR B 72 31.17 -1.73 0.18
N LYS B 73 32.00 -1.46 1.19
CA LYS B 73 32.12 -0.12 1.71
C LYS B 73 33.50 0.07 2.32
N ARG B 74 33.86 1.34 2.55
CA ARG B 74 35.14 1.68 3.16
C ARG B 74 34.80 2.28 4.51
N SER B 75 35.65 2.07 5.52
CA SER B 75 35.38 2.62 6.85
C SER B 75 35.70 4.10 6.93
N GLY B 76 35.03 4.80 7.84
CA GLY B 76 35.26 6.22 8.03
C GLY B 76 34.90 7.11 6.85
N HIS B 77 33.94 6.69 6.04
CA HIS B 77 33.52 7.47 4.88
C HIS B 77 32.01 7.71 4.92
N THR B 78 31.42 7.51 6.09
CA THR B 78 29.99 7.66 6.29
C THR B 78 29.19 6.88 5.25
N GLN B 79 29.57 5.62 5.05
CA GLN B 79 28.91 4.75 4.09
C GLN B 79 28.30 3.54 4.78
N THR B 80 27.27 2.98 4.16
CA THR B 80 26.63 1.77 4.66
C THR B 80 26.66 0.80 3.48
N ASP B 81 26.40 -0.47 3.73
CA ASP B 81 26.42 -1.49 2.69
C ASP B 81 25.02 -1.69 2.13
N TYR B 82 24.13 -0.76 2.44
CA TYR B 82 22.73 -0.87 2.03
C TYR B 82 22.27 -0.22 0.73
N ILE B 83 21.33 -0.91 0.08
CA ILE B 83 20.67 -0.44 -1.14
C ILE B 83 19.36 -1.21 -1.17
N ASN B 84 18.27 -0.53 -1.49
CA ASN B 84 16.98 -1.19 -1.54
C ASN B 84 16.90 -2.03 -2.80
N ALA B 85 17.47 -3.22 -2.73
CA ALA B 85 17.49 -4.16 -3.85
C ALA B 85 17.50 -5.57 -3.28
N SER B 86 16.82 -6.49 -3.97
CA SER B 86 16.73 -7.88 -3.53
C SER B 86 17.04 -8.88 -4.63
N PHE B 87 17.75 -9.93 -4.28
CA PHE B 87 18.05 -11.02 -5.21
C PHE B 87 16.75 -11.80 -5.33
N MET B 88 16.37 -12.13 -6.56
CA MET B 88 15.15 -12.88 -6.81
C MET B 88 15.46 -14.05 -7.73
N ASP B 89 14.96 -15.23 -7.39
CA ASP B 89 15.17 -16.41 -8.21
C ASP B 89 14.30 -16.30 -9.46
N GLY B 90 14.65 -17.08 -10.48
CA GLY B 90 13.88 -17.11 -11.71
C GLY B 90 13.53 -18.57 -11.94
N TYR B 91 12.88 -18.87 -13.06
CA TYR B 91 12.52 -20.26 -13.33
C TYR B 91 13.78 -21.11 -13.36
N LYS B 92 13.86 -22.06 -12.43
CA LYS B 92 15.01 -22.96 -12.34
C LYS B 92 16.35 -22.24 -12.43
N GLN B 93 16.41 -21.03 -11.89
CA GLN B 93 17.65 -20.25 -11.91
C GLN B 93 17.73 -19.38 -10.67
N LYS B 94 18.81 -19.53 -9.90
CA LYS B 94 18.96 -18.71 -8.70
C LYS B 94 19.45 -17.32 -9.05
N ASN B 95 19.02 -16.34 -8.27
CA ASN B 95 19.41 -14.94 -8.48
C ASN B 95 19.36 -14.52 -9.94
N ALA B 96 18.24 -14.81 -10.59
CA ALA B 96 18.04 -14.45 -11.98
C ALA B 96 17.84 -12.94 -12.12
N TYR B 97 17.24 -12.33 -11.11
CA TYR B 97 17.00 -10.89 -11.13
C TYR B 97 17.38 -10.20 -9.84
N ILE B 98 17.46 -8.88 -9.93
CA ILE B 98 17.70 -8.03 -8.78
C ILE B 98 16.59 -7.01 -8.91
N GLY B 99 15.61 -7.10 -8.01
CA GLY B 99 14.50 -6.18 -8.04
C GLY B 99 14.85 -5.00 -7.14
N THR B 100 14.69 -3.79 -7.65
CA THR B 100 15.05 -2.63 -6.86
C THR B 100 14.16 -1.43 -7.14
N GLN B 101 14.29 -0.41 -6.30
CA GLN B 101 13.50 0.82 -6.43
C GLN B 101 14.14 1.69 -7.49
N GLY B 102 13.46 2.78 -7.85
CA GLY B 102 14.02 3.70 -8.80
C GLY B 102 15.10 4.46 -8.06
N PRO B 103 16.35 4.46 -8.57
CA PRO B 103 17.46 5.18 -7.91
C PRO B 103 17.16 6.64 -7.55
N LEU B 104 17.67 7.06 -6.41
CA LEU B 104 17.49 8.43 -5.92
C LEU B 104 18.79 9.21 -6.09
N GLU B 105 18.68 10.53 -6.05
CA GLU B 105 19.83 11.43 -6.18
C GLU B 105 21.03 10.93 -5.39
N ASN B 106 20.77 10.61 -4.12
CA ASN B 106 21.81 10.16 -3.21
C ASN B 106 22.17 8.68 -3.26
N THR B 107 21.55 7.92 -4.17
CA THR B 107 21.86 6.50 -4.30
C THR B 107 22.37 6.10 -5.69
N TYR B 108 22.60 7.07 -6.57
CA TYR B 108 23.09 6.75 -7.91
C TYR B 108 24.39 5.96 -7.83
N ARG B 109 25.29 6.43 -6.97
CA ARG B 109 26.58 5.78 -6.78
C ARG B 109 26.39 4.35 -6.30
N ASP B 110 25.42 4.14 -5.42
CA ASP B 110 25.13 2.80 -4.89
C ASP B 110 24.62 1.89 -6.00
N PHE B 111 23.77 2.44 -6.86
CA PHE B 111 23.21 1.66 -7.93
C PHE B 111 24.30 1.16 -8.87
N TRP B 112 25.16 2.07 -9.31
CA TRP B 112 26.22 1.69 -10.23
C TRP B 112 27.26 0.77 -9.61
N LEU B 113 27.48 0.91 -8.31
CA LEU B 113 28.42 0.04 -7.61
C LEU B 113 27.83 -1.37 -7.64
N MET B 114 26.52 -1.46 -7.40
CA MET B 114 25.83 -2.75 -7.40
C MET B 114 25.86 -3.37 -8.79
N VAL B 115 25.64 -2.55 -9.81
CA VAL B 115 25.66 -3.04 -11.18
C VAL B 115 27.04 -3.62 -11.50
N TRP B 116 28.08 -2.97 -11.02
CA TRP B 116 29.44 -3.44 -11.27
C TRP B 116 29.82 -4.69 -10.51
N GLU B 117 29.63 -4.65 -9.19
CA GLU B 117 29.97 -5.78 -8.33
C GLU B 117 29.17 -7.04 -8.65
N GLN B 118 27.94 -6.88 -9.11
CA GLN B 118 27.11 -8.04 -9.44
C GLN B 118 27.27 -8.45 -10.90
N LYS B 119 28.16 -7.76 -11.61
CA LYS B 119 28.45 -8.06 -13.00
C LYS B 119 27.23 -8.04 -13.90
N VAL B 120 26.29 -7.14 -13.60
CA VAL B 120 25.06 -7.03 -14.38
C VAL B 120 25.34 -6.60 -15.82
N LEU B 121 24.65 -7.23 -16.75
CA LEU B 121 24.81 -6.92 -18.17
C LEU B 121 23.58 -6.20 -18.73
N VAL B 122 22.42 -6.48 -18.16
CA VAL B 122 21.18 -5.86 -18.63
C VAL B 122 20.40 -5.20 -17.50
N ILE B 123 19.92 -3.99 -17.76
CA ILE B 123 19.15 -3.24 -16.79
C ILE B 123 17.77 -3.00 -17.38
N VAL B 124 16.73 -3.32 -16.62
CA VAL B 124 15.37 -3.09 -17.10
C VAL B 124 14.67 -2.03 -16.25
N MET B 125 14.21 -0.97 -16.90
CA MET B 125 13.50 0.11 -16.22
C MET B 125 12.07 0.06 -16.75
N THR B 126 11.10 -0.13 -15.85
CA THR B 126 9.71 -0.23 -16.28
C THR B 126 8.87 1.04 -16.17
N THR B 127 9.51 2.19 -16.00
CA THR B 127 8.76 3.45 -15.87
C THR B 127 9.51 4.63 -16.46
N ARG B 128 8.87 5.79 -16.39
CA ARG B 128 9.48 7.03 -16.85
C ARG B 128 9.83 7.74 -15.54
N PHE B 129 10.68 8.75 -15.61
CA PHE B 129 11.10 9.47 -14.42
C PHE B 129 9.93 9.99 -13.58
N GLU B 130 8.90 10.47 -14.25
CA GLU B 130 7.73 11.01 -13.57
C GLU B 130 6.49 10.53 -14.31
N GLU B 131 5.44 10.20 -13.55
CA GLU B 131 4.19 9.72 -14.15
C GLU B 131 2.96 10.17 -13.36
N GLY B 132 1.99 10.73 -14.07
CA GLY B 132 0.79 11.20 -13.42
C GLY B 132 1.11 12.32 -12.46
N GLY B 133 2.20 13.03 -12.72
CA GLY B 133 2.62 14.13 -11.87
C GLY B 133 3.31 13.65 -10.60
N ARG B 134 3.89 12.46 -10.67
CA ARG B 134 4.57 11.88 -9.50
C ARG B 134 5.94 11.31 -9.84
N ARG B 135 6.92 11.63 -8.99
CA ARG B 135 8.28 11.16 -9.19
C ARG B 135 8.33 9.65 -9.01
N LYS B 136 9.00 8.98 -9.95
CA LYS B 136 9.12 7.53 -9.89
C LYS B 136 10.59 7.11 -9.93
N CYS B 137 11.43 7.92 -10.56
CA CYS B 137 12.84 7.58 -10.67
C CYS B 137 13.72 8.74 -11.13
N GLY B 138 14.96 8.79 -10.64
CA GLY B 138 15.86 9.86 -11.02
C GLY B 138 16.60 9.53 -12.30
N GLN B 139 17.26 10.52 -12.89
CA GLN B 139 18.01 10.30 -14.13
C GLN B 139 19.41 9.86 -13.72
N TYR B 140 19.55 8.54 -13.50
CA TYR B 140 20.81 7.97 -13.05
C TYR B 140 21.79 7.54 -14.14
N TRP B 141 21.48 7.81 -15.40
CA TRP B 141 22.39 7.43 -16.47
C TRP B 141 22.43 8.55 -17.51
N PRO B 142 23.51 8.62 -18.32
CA PRO B 142 23.62 9.67 -19.33
C PRO B 142 22.59 9.44 -20.44
N LEU B 143 21.75 10.43 -20.68
CA LEU B 143 20.68 10.32 -21.67
C LEU B 143 21.10 10.41 -23.13
N GLU B 144 21.97 11.36 -23.45
CA GLU B 144 22.42 11.56 -24.82
C GLU B 144 23.67 10.75 -25.17
N LYS B 145 23.71 10.23 -26.39
CA LYS B 145 24.84 9.44 -26.85
C LYS B 145 26.12 10.26 -26.68
N ASP B 146 27.21 9.58 -26.32
CA ASP B 146 28.50 10.21 -26.11
C ASP B 146 28.62 10.91 -24.76
N SER B 147 27.48 11.16 -24.11
CA SER B 147 27.47 11.81 -22.81
C SER B 147 28.01 10.83 -21.77
N ARG B 148 28.57 11.35 -20.69
CA ARG B 148 29.13 10.50 -19.65
C ARG B 148 29.07 11.14 -18.26
N ILE B 149 28.94 10.32 -17.24
CA ILE B 149 28.87 10.80 -15.86
C ILE B 149 29.80 9.98 -14.98
N ARG B 150 30.37 10.61 -13.95
CA ARG B 150 31.28 9.91 -13.06
C ARG B 150 30.73 9.72 -11.65
N PHE B 151 30.86 8.50 -11.15
CA PHE B 151 30.41 8.13 -9.82
C PHE B 151 31.57 7.50 -9.07
N GLY B 152 32.41 8.34 -8.47
CA GLY B 152 33.56 7.85 -7.74
C GLY B 152 34.61 7.34 -8.71
N PHE B 153 34.88 6.04 -8.66
CA PHE B 153 35.86 5.44 -9.56
C PHE B 153 35.17 4.73 -10.71
N LEU B 154 33.90 5.04 -10.91
CA LEU B 154 33.11 4.45 -11.98
C LEU B 154 32.61 5.52 -12.93
N THR B 155 32.79 5.30 -14.22
CA THR B 155 32.32 6.24 -15.23
C THR B 155 31.37 5.52 -16.16
N VAL B 156 30.23 6.16 -16.43
CA VAL B 156 29.23 5.57 -17.31
C VAL B 156 29.10 6.46 -18.55
N THR B 157 29.25 5.85 -19.72
CA THR B 157 29.17 6.58 -20.97
C THR B 157 28.09 6.04 -21.90
N ASN B 158 27.32 6.94 -22.49
CA ASN B 158 26.26 6.56 -23.41
C ASN B 158 26.87 6.32 -24.81
N LEU B 159 26.80 5.08 -25.28
CA LEU B 159 27.36 4.73 -26.58
C LEU B 159 26.32 4.63 -27.70
N GLY B 160 25.05 4.84 -27.37
CA GLY B 160 24.00 4.77 -28.39
C GLY B 160 22.60 4.53 -27.85
N VAL B 161 21.60 5.15 -28.50
CA VAL B 161 20.21 4.98 -28.08
C VAL B 161 19.32 4.60 -29.25
N GLU B 162 18.58 3.51 -29.08
CA GLU B 162 17.67 3.01 -30.11
C GLU B 162 16.24 3.31 -29.65
N ASN B 163 15.48 4.01 -30.48
CA ASN B 163 14.12 4.35 -30.11
C ASN B 163 13.10 3.44 -30.79
N MET B 164 12.51 2.54 -30.02
CA MET B 164 11.50 1.63 -30.54
C MET B 164 10.14 2.25 -30.27
N ASN B 165 9.08 1.52 -30.58
CA ASN B 165 7.73 2.04 -30.36
C ASN B 165 7.49 2.22 -28.86
N HIS B 166 7.41 1.09 -28.18
CA HIS B 166 7.14 1.02 -26.75
C HIS B 166 8.36 0.95 -25.83
N TYR B 167 9.56 1.18 -26.35
CA TYR B 167 10.73 1.13 -25.49
C TYR B 167 11.97 1.75 -26.11
N LYS B 168 12.93 2.07 -25.25
CA LYS B 168 14.18 2.66 -25.70
C LYS B 168 15.34 1.79 -25.21
N LYS B 169 16.25 1.47 -26.12
CA LYS B 169 17.40 0.66 -25.77
C LYS B 169 18.64 1.55 -25.76
N THR B 170 19.37 1.52 -24.65
CA THR B 170 20.57 2.32 -24.50
C THR B 170 21.75 1.45 -24.13
N THR B 171 22.84 1.59 -24.89
CA THR B 171 24.05 0.82 -24.62
C THR B 171 24.95 1.72 -23.78
N LEU B 172 25.41 1.20 -22.65
CA LEU B 172 26.26 1.97 -21.76
C LEU B 172 27.61 1.31 -21.52
N GLU B 173 28.63 2.13 -21.34
CA GLU B 173 29.96 1.63 -21.07
C GLU B 173 30.31 2.04 -19.65
N ILE B 174 30.46 1.04 -18.77
CA ILE B 174 30.81 1.32 -17.40
C ILE B 174 32.31 1.07 -17.30
N HIS B 175 33.04 2.07 -16.81
CA HIS B 175 34.48 1.97 -16.68
C HIS B 175 34.94 2.10 -15.24
N ASN B 176 35.52 1.03 -14.70
CA ASN B 176 36.03 1.05 -13.33
C ASN B 176 37.50 1.46 -13.44
N THR B 177 37.78 2.71 -13.13
CA THR B 177 39.13 3.23 -13.23
C THR B 177 40.08 2.71 -12.14
N GLU B 178 39.53 2.22 -11.04
CA GLU B 178 40.36 1.69 -9.95
C GLU B 178 40.80 0.26 -10.26
N GLU B 179 40.38 -0.27 -11.41
CA GLU B 179 40.73 -1.61 -11.82
C GLU B 179 40.97 -1.62 -13.32
N ARG B 180 40.92 -0.42 -13.91
CA ARG B 180 41.12 -0.22 -15.35
C ARG B 180 40.38 -1.24 -16.21
N GLN B 181 39.16 -1.55 -15.82
CA GLN B 181 38.34 -2.50 -16.56
C GLN B 181 37.10 -1.78 -17.10
N LYS B 182 36.63 -2.23 -18.25
CA LYS B 182 35.45 -1.66 -18.88
C LYS B 182 34.44 -2.75 -19.15
N ARG B 183 33.16 -2.41 -19.04
CA ARG B 183 32.10 -3.38 -19.27
C ARG B 183 30.95 -2.70 -20.01
N GLN B 184 30.36 -3.39 -20.98
CA GLN B 184 29.25 -2.85 -21.75
C GLN B 184 27.94 -3.37 -21.17
N VAL B 185 27.02 -2.47 -20.89
CA VAL B 185 25.72 -2.82 -20.32
C VAL B 185 24.59 -2.27 -21.19
N THR B 186 23.52 -3.04 -21.30
CA THR B 186 22.37 -2.62 -22.09
C THR B 186 21.24 -2.16 -21.17
N HIS B 187 20.74 -0.98 -21.42
CA HIS B 187 19.69 -0.39 -20.61
C HIS B 187 18.39 -0.33 -21.41
N PHE B 188 17.35 -0.98 -20.88
CA PHE B 188 16.04 -1.03 -21.52
C PHE B 188 15.04 -0.24 -20.68
N GLN B 189 14.20 0.56 -21.32
CA GLN B 189 13.19 1.32 -20.62
C GLN B 189 11.84 1.19 -21.33
N PHE B 190 10.90 0.53 -20.67
CA PHE B 190 9.56 0.35 -21.22
C PHE B 190 8.84 1.69 -21.11
N LEU B 191 8.15 2.10 -22.17
CA LEU B 191 7.47 3.37 -22.16
C LEU B 191 5.95 3.27 -22.36
N SER B 192 5.45 2.06 -22.57
CA SER B 192 4.03 1.85 -22.81
C SER B 192 3.16 1.41 -21.63
N TRP B 193 3.65 1.58 -20.41
CA TRP B 193 2.86 1.20 -19.24
C TRP B 193 2.06 2.43 -18.83
N PRO B 194 0.71 2.33 -18.80
CA PRO B 194 -0.17 3.43 -18.44
C PRO B 194 0.02 3.97 -17.02
N ASP B 195 -0.12 5.28 -16.88
CA ASP B 195 0.04 5.94 -15.59
C ASP B 195 -0.96 5.42 -14.56
N TYR B 196 -2.15 5.06 -15.02
CA TYR B 196 -3.17 4.55 -14.12
C TYR B 196 -3.54 3.10 -14.44
N GLY B 197 -3.16 2.19 -13.55
CA GLY B 197 -3.50 0.79 -13.76
C GLY B 197 -2.56 0.01 -14.66
N VAL B 198 -3.06 -1.09 -15.21
CA VAL B 198 -2.26 -1.94 -16.08
C VAL B 198 -2.55 -1.70 -17.55
N PRO B 199 -1.66 -2.18 -18.43
CA PRO B 199 -1.83 -2.01 -19.88
C PRO B 199 -3.11 -2.69 -20.35
N SER B 200 -3.84 -2.05 -21.26
CA SER B 200 -5.07 -2.62 -21.77
C SER B 200 -4.71 -3.88 -22.58
N SER B 201 -3.55 -3.85 -23.23
CA SER B 201 -3.06 -4.98 -24.01
C SER B 201 -1.66 -5.33 -23.52
N ALA B 202 -1.39 -6.63 -23.37
CA ALA B 202 -0.09 -7.08 -22.90
C ALA B 202 0.92 -7.29 -24.03
N ALA B 203 0.45 -7.19 -25.26
CA ALA B 203 1.32 -7.38 -26.43
C ALA B 203 2.64 -6.63 -26.32
N SER B 204 2.57 -5.33 -26.07
CA SER B 204 3.77 -4.50 -25.96
C SER B 204 4.71 -4.99 -24.87
N LEU B 205 4.15 -5.40 -23.74
CA LEU B 205 4.96 -5.88 -22.62
C LEU B 205 5.63 -7.22 -22.92
N ILE B 206 4.91 -8.12 -23.59
CA ILE B 206 5.45 -9.44 -23.92
C ILE B 206 6.64 -9.30 -24.88
N ASP B 207 6.48 -8.45 -25.88
CA ASP B 207 7.56 -8.22 -26.85
C ASP B 207 8.77 -7.65 -26.11
N PHE B 208 8.50 -6.73 -25.20
CA PHE B 208 9.56 -6.11 -24.40
C PHE B 208 10.33 -7.20 -23.67
N LEU B 209 9.58 -8.14 -23.09
CA LEU B 209 10.17 -9.24 -22.35
C LEU B 209 11.08 -10.11 -23.20
N ARG B 210 10.70 -10.34 -24.45
CA ARG B 210 11.50 -11.15 -25.35
C ARG B 210 12.82 -10.45 -25.67
N VAL B 211 12.72 -9.18 -26.03
CA VAL B 211 13.91 -8.40 -26.37
C VAL B 211 14.89 -8.40 -25.19
N VAL B 212 14.37 -8.26 -23.97
CA VAL B 212 15.21 -8.27 -22.79
C VAL B 212 15.89 -9.63 -22.67
N ARG B 213 15.11 -10.71 -22.80
CA ARG B 213 15.67 -12.06 -22.70
C ARG B 213 16.71 -12.33 -23.78
N ASN B 214 16.41 -11.89 -25.00
CA ASN B 214 17.33 -12.06 -26.13
C ASN B 214 18.65 -11.36 -25.86
N GLN B 215 18.58 -10.16 -25.33
CA GLN B 215 19.78 -9.40 -25.04
C GLN B 215 20.59 -10.07 -23.94
N GLN B 216 19.92 -10.52 -22.89
CA GLN B 216 20.59 -11.18 -21.77
C GLN B 216 21.33 -12.44 -22.22
N SER B 217 20.69 -13.28 -23.03
CA SER B 217 21.31 -14.51 -23.51
C SER B 217 22.45 -14.23 -24.48
N LEU B 218 22.33 -13.16 -25.24
CA LEU B 218 23.36 -12.80 -26.21
C LEU B 218 24.59 -12.25 -25.50
N ALA B 219 24.38 -11.45 -24.46
CA ALA B 219 25.48 -10.88 -23.69
C ALA B 219 26.20 -11.97 -22.90
N VAL B 220 25.43 -12.99 -22.50
CA VAL B 220 25.97 -14.11 -21.73
C VAL B 220 26.82 -15.05 -22.59
N SER B 221 26.37 -15.33 -23.81
CA SER B 221 27.10 -16.22 -24.69
C SER B 221 28.23 -15.51 -25.41
N ASN B 222 28.70 -14.41 -24.82
CA ASN B 222 29.80 -13.64 -25.40
C ASN B 222 30.69 -13.07 -24.28
N MET B 223 30.62 -13.70 -23.12
CA MET B 223 31.41 -13.26 -21.97
C MET B 223 32.42 -14.32 -21.55
N GLU B 233 25.42 -17.17 -14.33
CA GLU B 233 24.84 -16.12 -15.16
C GLU B 233 24.43 -14.94 -14.30
N PRO B 234 24.92 -13.73 -14.63
CA PRO B 234 24.58 -12.53 -13.86
C PRO B 234 23.09 -12.23 -13.89
N PRO B 235 22.56 -11.62 -12.81
CA PRO B 235 21.15 -11.27 -12.71
C PRO B 235 20.79 -10.05 -13.53
N ILE B 236 19.53 -9.97 -13.91
CA ILE B 236 19.02 -8.83 -14.68
C ILE B 236 18.45 -7.87 -13.64
N VAL B 237 18.90 -6.62 -13.68
CA VAL B 237 18.39 -5.62 -12.76
C VAL B 237 17.06 -5.14 -13.30
N VAL B 238 16.03 -5.18 -12.47
CA VAL B 238 14.71 -4.73 -12.89
C VAL B 238 14.22 -3.76 -11.84
N HIS B 239 13.67 -2.63 -12.28
CA HIS B 239 13.20 -1.65 -11.33
C HIS B 239 12.08 -0.77 -11.87
N CYS B 240 11.23 -0.30 -10.96
CA CYS B 240 10.13 0.59 -11.29
C CYS B 240 10.25 1.73 -10.29
N SER B 241 9.18 2.00 -9.54
CA SER B 241 9.23 3.06 -8.55
C SER B 241 9.78 2.52 -7.24
N ALA B 242 9.09 1.51 -6.70
CA ALA B 242 9.50 0.90 -5.43
C ALA B 242 10.12 -0.47 -5.66
N GLY B 243 10.01 -0.99 -6.88
CA GLY B 243 10.57 -2.28 -7.20
C GLY B 243 9.74 -3.48 -6.76
N ILE B 244 8.43 -3.28 -6.62
CA ILE B 244 7.55 -4.37 -6.20
C ILE B 244 6.33 -4.49 -7.10
N GLY B 245 5.90 -3.37 -7.70
CA GLY B 245 4.73 -3.40 -8.56
C GLY B 245 5.01 -3.93 -9.95
N ARG B 246 5.37 -3.02 -10.86
CA ARG B 246 5.67 -3.38 -12.23
C ARG B 246 6.82 -4.38 -12.28
N THR B 247 7.77 -4.22 -11.36
CA THR B 247 8.92 -5.12 -11.28
C THR B 247 8.45 -6.55 -11.00
N GLY B 248 7.54 -6.68 -10.04
CA GLY B 248 7.02 -8.00 -9.70
C GLY B 248 6.26 -8.61 -10.87
N THR B 249 5.54 -7.76 -11.61
CA THR B 249 4.76 -8.21 -12.76
C THR B 249 5.68 -8.73 -13.85
N PHE B 250 6.69 -7.94 -14.17
CA PHE B 250 7.66 -8.31 -15.19
C PHE B 250 8.27 -9.66 -14.85
N CYS B 251 8.80 -9.78 -13.64
CA CYS B 251 9.45 -11.02 -13.22
C CYS B 251 8.51 -12.22 -13.15
N SER B 252 7.31 -12.02 -12.63
CA SER B 252 6.34 -13.11 -12.53
C SER B 252 5.98 -13.61 -13.93
N LEU B 253 5.79 -12.68 -14.85
CA LEU B 253 5.44 -13.00 -16.22
C LEU B 253 6.57 -13.79 -16.87
N ASP B 254 7.80 -13.29 -16.70
CA ASP B 254 8.97 -13.96 -17.28
C ASP B 254 9.12 -15.40 -16.77
N ILE B 255 8.93 -15.60 -15.47
CA ILE B 255 9.05 -16.93 -14.88
C ILE B 255 7.95 -17.86 -15.40
N CYS B 256 6.71 -17.35 -15.40
CA CYS B 256 5.58 -18.13 -15.86
C CYS B 256 5.73 -18.57 -17.30
N LEU B 257 6.19 -17.65 -18.15
CA LEU B 257 6.38 -17.93 -19.57
C LEU B 257 7.54 -18.88 -19.79
N ALA B 258 8.48 -18.90 -18.85
CA ALA B 258 9.63 -19.79 -18.95
C ALA B 258 9.18 -21.22 -18.64
N GLN B 259 8.30 -21.37 -17.64
CA GLN B 259 7.82 -22.70 -17.30
C GLN B 259 6.91 -23.20 -18.42
N LEU B 260 6.17 -22.29 -19.02
CA LEU B 260 5.28 -22.64 -20.12
C LEU B 260 6.12 -23.12 -21.29
N GLU B 261 7.20 -22.42 -21.57
CA GLU B 261 8.09 -22.79 -22.67
C GLU B 261 8.68 -24.19 -22.51
N GLU B 262 9.18 -24.48 -21.32
CA GLU B 262 9.80 -25.78 -21.08
C GLU B 262 8.83 -26.93 -20.80
N LEU B 263 7.83 -26.68 -19.96
CA LEU B 263 6.88 -27.72 -19.59
C LEU B 263 5.43 -27.59 -20.05
N GLY B 264 5.10 -26.47 -20.68
CA GLY B 264 3.74 -26.29 -21.16
C GLY B 264 2.74 -26.04 -20.05
N THR B 265 3.24 -25.67 -18.88
CA THR B 265 2.36 -25.36 -17.76
C THR B 265 2.90 -24.15 -17.02
N LEU B 266 2.14 -23.71 -16.02
CA LEU B 266 2.52 -22.57 -15.20
C LEU B 266 1.55 -22.46 -14.03
N ASN B 267 1.93 -21.68 -13.03
CA ASN B 267 1.10 -21.50 -11.85
C ASN B 267 1.32 -20.08 -11.34
N VAL B 268 0.42 -19.18 -11.72
CA VAL B 268 0.53 -17.79 -11.30
C VAL B 268 0.60 -17.64 -9.78
N PHE B 269 -0.33 -18.31 -9.10
CA PHE B 269 -0.43 -18.25 -7.64
C PHE B 269 0.87 -18.64 -6.94
N GLN B 270 1.43 -19.80 -7.30
CA GLN B 270 2.65 -20.28 -6.67
C GLN B 270 3.83 -19.36 -7.01
N THR B 271 3.87 -18.88 -8.25
CA THR B 271 4.95 -17.99 -8.71
C THR B 271 5.00 -16.68 -7.91
N VAL B 272 3.84 -16.05 -7.73
CA VAL B 272 3.79 -14.79 -6.98
C VAL B 272 4.06 -15.03 -5.50
N SER B 273 3.50 -16.11 -4.95
CA SER B 273 3.72 -16.44 -3.56
C SER B 273 5.21 -16.63 -3.32
N ARG B 274 5.86 -17.41 -4.18
CA ARG B 274 7.29 -17.68 -4.06
C ARG B 274 8.16 -16.44 -4.25
N MET B 275 7.75 -15.58 -5.16
CA MET B 275 8.50 -14.36 -5.41
C MET B 275 8.44 -13.45 -4.18
N ARG B 276 7.31 -13.47 -3.49
CA ARG B 276 7.14 -12.61 -2.32
C ARG B 276 7.98 -13.02 -1.11
N THR B 277 8.65 -14.17 -1.18
CA THR B 277 9.50 -14.61 -0.09
C THR B 277 10.92 -14.07 -0.30
N GLN B 278 11.13 -13.44 -1.46
CA GLN B 278 12.44 -12.88 -1.78
C GLN B 278 12.35 -11.38 -1.97
N ARG B 279 11.31 -10.92 -2.64
CA ARG B 279 11.09 -9.50 -2.83
C ARG B 279 9.77 -9.24 -2.14
N ALA B 280 9.84 -9.06 -0.82
CA ALA B 280 8.65 -8.82 -0.03
C ALA B 280 7.72 -7.82 -0.70
N PHE B 281 6.42 -8.13 -0.66
CA PHE B 281 5.39 -7.27 -1.21
C PHE B 281 5.31 -7.18 -2.73
N SER B 282 5.94 -8.10 -3.46
CA SER B 282 5.87 -8.09 -4.92
C SER B 282 4.41 -8.27 -5.35
N ILE B 283 3.98 -7.48 -6.34
CA ILE B 283 2.59 -7.48 -6.83
C ILE B 283 1.78 -6.77 -5.75
N GLN B 284 1.53 -5.47 -5.96
CA GLN B 284 0.83 -4.65 -4.99
C GLN B 284 -0.68 -4.53 -5.02
N THR B 285 -1.30 -4.78 -6.17
CA THR B 285 -2.75 -4.66 -6.23
C THR B 285 -3.40 -5.88 -6.89
N PRO B 286 -4.70 -6.10 -6.62
CA PRO B 286 -5.40 -7.24 -7.20
C PRO B 286 -5.43 -7.10 -8.73
N GLU B 287 -5.40 -5.85 -9.21
CA GLU B 287 -5.41 -5.55 -10.62
C GLU B 287 -4.13 -6.05 -11.30
N GLN B 288 -2.99 -5.89 -10.64
CA GLN B 288 -1.74 -6.35 -11.23
C GLN B 288 -1.71 -7.86 -11.22
N TYR B 289 -2.29 -8.45 -10.19
CA TYR B 289 -2.33 -9.91 -10.07
C TYR B 289 -3.18 -10.50 -11.19
N TYR B 290 -4.35 -9.90 -11.40
CA TYR B 290 -5.26 -10.34 -12.43
C TYR B 290 -4.64 -10.16 -13.81
N PHE B 291 -3.87 -9.09 -13.96
CA PHE B 291 -3.21 -8.81 -15.22
C PHE B 291 -2.26 -9.94 -15.63
N CYS B 292 -1.59 -10.57 -14.66
CA CYS B 292 -0.68 -11.68 -14.94
C CYS B 292 -1.41 -12.80 -15.65
N TYR B 293 -2.62 -13.11 -15.18
CA TYR B 293 -3.46 -14.15 -15.76
C TYR B 293 -3.93 -13.71 -17.14
N LYS B 294 -4.40 -12.47 -17.23
CA LYS B 294 -4.90 -11.94 -18.49
C LYS B 294 -3.82 -11.79 -19.56
N ALA B 295 -2.60 -11.44 -19.16
CA ALA B 295 -1.49 -11.27 -20.09
C ALA B 295 -1.11 -12.61 -20.70
N ILE B 296 -1.10 -13.64 -19.86
CA ILE B 296 -0.76 -14.98 -20.32
C ILE B 296 -1.80 -15.49 -21.31
N LEU B 297 -3.07 -15.26 -21.00
CA LEU B 297 -4.15 -15.70 -21.87
C LEU B 297 -4.16 -14.95 -23.19
N GLU B 298 -3.85 -13.65 -23.15
CA GLU B 298 -3.82 -12.83 -24.35
C GLU B 298 -2.71 -13.34 -25.27
N PHE B 299 -1.56 -13.63 -24.66
CA PHE B 299 -0.39 -14.14 -25.37
C PHE B 299 -0.71 -15.50 -25.97
N ALA B 300 -1.30 -16.37 -25.16
CA ALA B 300 -1.66 -17.73 -25.60
C ALA B 300 -2.61 -17.68 -26.80
N GLU B 301 -3.54 -16.74 -26.79
CA GLU B 301 -4.48 -16.61 -27.89
C GLU B 301 -3.76 -16.11 -29.14
N LYS B 302 -2.91 -15.12 -28.96
CA LYS B 302 -2.14 -14.53 -30.06
C LYS B 302 -1.24 -15.57 -30.71
N GLU B 303 -0.70 -16.46 -29.90
CA GLU B 303 0.20 -17.51 -30.39
C GLU B 303 -0.54 -18.74 -30.94
N GLY B 304 -1.86 -18.72 -30.83
CA GLY B 304 -2.65 -19.85 -31.32
C GLY B 304 -2.47 -21.07 -30.46
N MET B 305 -2.36 -20.87 -29.15
CA MET B 305 -2.17 -21.96 -28.20
C MET B 305 -3.51 -22.47 -27.67
N VAL B 306 -4.58 -21.72 -27.92
CA VAL B 306 -5.90 -22.13 -27.44
C VAL B 306 -6.72 -22.80 -28.54
C23 75A C . 1.20 -1.15 23.04
O7 75A C . 0.64 -2.22 22.82
C24 75A C . 2.40 -1.14 23.68
N1 75A C . 0.51 -0.06 22.59
C9 75A C . 0.43 0.51 21.23
C10 75A C . 1.41 1.69 21.10
O4 75A C . 2.16 1.77 20.15
C8 75A C . -1.08 0.84 20.98
C5 75A C . -1.38 1.04 19.49
C6 75A C . -1.46 -0.02 18.62
C4 75A C . -1.57 2.32 18.97
C7 75A C . -1.72 0.16 17.28
C3 75A C . -1.83 2.51 17.63
C2 75A C . -1.91 1.44 16.75
C1 75A C . -2.18 1.64 15.26
F1 75A C . -1.90 0.51 14.55
F2 75A C . -1.40 2.63 14.71
P1 75A C . -3.95 2.09 14.86
O2 75A C . -4.85 0.91 14.89
O1 75A C . -4.50 3.18 15.91
O3 75A C . -3.94 2.72 13.37
N2 75A C . 1.39 2.61 22.12
N4 75A C . -1.17 6.54 25.08
C11 75A C . 1.22 4.07 21.92
C12 75A C . 2.58 4.78 21.72
C13 75A C . 0.49 4.65 23.16
C14 75A C . -0.59 5.70 22.86
C15 75A C . -0.49 6.90 23.83
C16 75A C . -0.74 6.66 26.38
C17 75A C . -1.48 6.98 27.49
C18 75A C . -2.25 5.99 28.08
C19 75A C . -3.02 6.24 29.21
C20 75A C . -3.04 7.49 29.76
C21 75A C . -2.27 8.49 29.19
C22 75A C . -1.51 8.23 28.08
O5 75A C . 2.84 5.48 20.76
O6 75A C . 0.45 6.42 26.53
I 75A C . -2.28 10.48 30.05
N3 75A C . 3.53 4.56 22.67
#